data_5M0X
#
_entry.id   5M0X
#
_cell.length_a   67.960
_cell.length_b   95.780
_cell.length_c   97.540
_cell.angle_alpha   90.00
_cell.angle_beta   90.00
_cell.angle_gamma   90.00
#
_symmetry.space_group_name_H-M   'P 21 21 21'
#
loop_
_entity.id
_entity.type
_entity.pdbx_description
1 polymer Alpha-galactosidase
2 non-polymer 'MAGNESIUM ION'
3 non-polymer 'SULFATE ION'
4 water water
#
_entity_poly.entity_id   1
_entity_poly.type   'polypeptide(L)'
_entity_poly.pdbx_seq_one_letter_code
;MGSSHHHHHHSSGLVPRGSHMASMEIFGKTFREGRFVLKEKNFTVEFAVEKIHLGWKISGRVKGSPGRLEVLRTKAPEKV
LVNNWQSWGPCRVVDAFSFKPPEIDPNWRYTASVVPDVLERNLQSDYFVAEEGKVYGFLSSKIAHPFFAVEDGELVAYLE
YFDVEFDDFVPLEPLVVLEDPNTPLLLEKYAELVGMENNARVPKHTPTGWCSWYHYFLDLTWEETLKNLKLAKNFPFEVF
QIDDAYEKDIGDWLVTRGDFPSVEEMAKVIAENGFIPGIWTAPFSVSETSDVFNEHPDWVVKENGEPKMAYRNWNKKIYA
LDLSKDEVLNWLFDLFSSLRKMGYRYFKIDFLFAGAVPGERKKNITPIQAFRKGIETIRKAVGEDSFILGCGSPLLPAVG
CVDGMRIGPDTAPFWGEHIEDNGAPAARWALRNAITRYFMHDRFWLNDPDCLILREEKTDLTQKEKELYSYTCGVLDNMI
IESDDLSLVRDHGKKVLKETLELLGGRPRVQNIMSEDLRYEIVSSGTLSGNVKIVVDLNSREYHLEKEGKSSLKKRVVKR
EDGRNFYFYEEGERE
;
_entity_poly.pdbx_strand_id   A
#
loop_
_chem_comp.id
_chem_comp.type
_chem_comp.name
_chem_comp.formula
MG non-polymer 'MAGNESIUM ION' 'Mg 2'
SO4 non-polymer 'SULFATE ION' 'O4 S -2'
#
# COMPACT_ATOMS: atom_id res chain seq x y z
N PRO A 16 16.73 -16.16 -25.54
CA PRO A 16 18.03 -15.90 -24.84
C PRO A 16 19.27 -15.56 -25.74
N ARG A 17 19.06 -14.90 -26.89
CA ARG A 17 20.18 -14.41 -27.70
C ARG A 17 21.06 -13.43 -26.87
N GLY A 18 20.42 -12.73 -25.92
CA GLY A 18 21.10 -11.92 -24.91
C GLY A 18 22.04 -12.69 -23.98
N SER A 19 23.26 -12.17 -23.82
CA SER A 19 24.27 -12.81 -22.93
C SER A 19 23.85 -12.85 -21.43
N HIS A 20 23.32 -11.73 -20.93
N HIS A 20 23.17 -11.79 -20.98
CA HIS A 20 22.56 -11.64 -19.66
CA HIS A 20 22.58 -11.72 -19.62
C HIS A 20 21.50 -12.77 -19.50
C HIS A 20 21.48 -12.77 -19.47
N MET A 21 20.64 -12.91 -20.51
CA MET A 21 19.58 -13.93 -20.54
C MET A 21 20.10 -15.35 -20.55
N ALA A 22 21.11 -15.68 -21.35
CA ALA A 22 21.70 -17.04 -21.30
C ALA A 22 22.27 -17.37 -19.91
N SER A 23 22.69 -16.33 -19.14
CA SER A 23 23.28 -16.50 -17.80
C SER A 23 22.25 -16.62 -16.66
N MET A 24 20.97 -16.41 -16.98
CA MET A 24 19.88 -16.54 -16.00
C MET A 24 19.50 -18.00 -15.70
N GLU A 25 19.02 -18.27 -14.48
CA GLU A 25 18.50 -19.59 -14.14
C GLU A 25 17.03 -19.51 -13.71
N ILE A 26 16.19 -20.43 -14.21
CA ILE A 26 14.78 -20.52 -13.80
C ILE A 26 14.55 -21.89 -13.13
N PHE A 27 14.03 -21.89 -11.90
CA PHE A 27 13.89 -23.09 -11.05
C PHE A 27 15.13 -23.97 -11.14
N GLY A 28 16.28 -23.31 -11.04
CA GLY A 28 17.57 -23.96 -10.99
C GLY A 28 18.17 -24.42 -12.32
N LYS A 29 17.50 -24.22 -13.45
CA LYS A 29 18.00 -24.68 -14.74
C LYS A 29 18.30 -23.48 -15.62
N THR A 30 19.24 -23.68 -16.52
CA THR A 30 19.54 -22.67 -17.50
C THR A 30 18.24 -22.19 -18.17
N PHE A 31 18.15 -20.89 -18.30
CA PHE A 31 16.97 -20.26 -18.83
C PHE A 31 16.90 -20.57 -20.31
N ARG A 32 15.73 -20.97 -20.76
CA ARG A 32 15.35 -21.02 -22.16
C ARG A 32 13.83 -21.20 -22.24
N GLU A 33 13.25 -20.83 -23.37
CA GLU A 33 11.84 -21.07 -23.65
C GLU A 33 11.46 -22.55 -23.65
N GLY A 34 10.25 -22.85 -23.18
CA GLY A 34 9.76 -24.24 -23.14
C GLY A 34 8.77 -24.55 -22.02
N ARG A 35 8.47 -25.85 -21.83
CA ARG A 35 7.63 -26.36 -20.75
C ARG A 35 8.47 -27.36 -20.01
N PHE A 36 8.40 -27.37 -18.68
CA PHE A 36 9.34 -28.07 -17.83
C PHE A 36 8.66 -28.69 -16.59
N VAL A 37 9.35 -29.65 -15.98
CA VAL A 37 8.92 -30.27 -14.72
C VAL A 37 10.14 -30.42 -13.81
N LEU A 38 10.04 -29.87 -12.60
CA LEU A 38 11.01 -30.13 -11.56
C LEU A 38 10.28 -31.03 -10.51
N LYS A 39 10.73 -32.28 -10.39
CA LYS A 39 10.28 -33.26 -9.37
C LYS A 39 11.37 -33.24 -8.34
N GLU A 40 11.10 -32.70 -7.16
CA GLU A 40 12.09 -32.59 -6.08
C GLU A 40 11.67 -33.50 -4.96
N LYS A 41 12.56 -33.69 -3.98
CA LYS A 41 12.24 -34.49 -2.78
C LYS A 41 10.84 -34.15 -2.23
N ASN A 42 10.62 -32.89 -1.85
CA ASN A 42 9.40 -32.49 -1.12
C ASN A 42 8.32 -31.76 -1.89
N PHE A 43 8.58 -31.50 -3.17
CA PHE A 43 7.63 -30.76 -3.98
C PHE A 43 7.82 -31.01 -5.48
N THR A 44 6.81 -30.61 -6.23
CA THR A 44 6.83 -30.71 -7.65
C THR A 44 6.35 -29.41 -8.29
N VAL A 45 7.10 -28.89 -9.27
CA VAL A 45 6.65 -27.70 -10.01
C VAL A 45 6.61 -28.01 -11.50
N GLU A 46 5.53 -27.61 -12.14
CA GLU A 46 5.42 -27.69 -13.57
C GLU A 46 5.32 -26.27 -14.09
N PHE A 47 6.25 -25.88 -14.97
CA PHE A 47 6.24 -24.48 -15.44
C PHE A 47 6.53 -24.33 -16.91
N ALA A 48 6.18 -23.15 -17.40
CA ALA A 48 6.43 -22.78 -18.75
C ALA A 48 7.08 -21.42 -18.76
N VAL A 49 8.02 -21.24 -19.71
CA VAL A 49 8.68 -20.01 -19.98
C VAL A 49 8.29 -19.61 -21.39
N GLU A 50 7.56 -18.50 -21.51
CA GLU A 50 6.90 -18.12 -22.77
C GLU A 50 7.23 -16.69 -23.11
N LYS A 51 7.40 -16.42 -24.38
CA LYS A 51 7.65 -15.08 -24.87
C LYS A 51 6.36 -14.25 -24.81
N ILE A 52 6.45 -13.05 -24.25
CA ILE A 52 5.32 -12.14 -24.24
C ILE A 52 5.82 -10.83 -24.77
N HIS A 53 4.91 -9.87 -25.01
CA HIS A 53 5.33 -8.51 -25.40
C HIS A 53 6.33 -7.90 -24.38
N LEU A 54 7.49 -7.47 -24.87
CA LEU A 54 8.56 -6.93 -24.07
C LEU A 54 9.39 -7.91 -23.24
N GLY A 55 9.13 -9.21 -23.28
CA GLY A 55 9.94 -10.09 -22.48
C GLY A 55 9.47 -11.50 -22.34
N TRP A 56 9.43 -12.02 -21.11
CA TRP A 56 9.12 -13.43 -20.89
C TRP A 56 8.12 -13.52 -19.74
N LYS A 57 7.30 -14.56 -19.72
CA LYS A 57 6.42 -14.89 -18.58
C LYS A 57 6.75 -16.28 -18.15
N ILE A 58 6.90 -16.44 -16.84
CA ILE A 58 7.06 -17.74 -16.24
C ILE A 58 5.84 -18.00 -15.37
N SER A 59 5.08 -19.03 -15.75
CA SER A 59 3.86 -19.46 -15.06
C SER A 59 3.81 -20.99 -14.92
N GLY A 60 2.80 -21.47 -14.18
CA GLY A 60 2.67 -22.87 -13.86
C GLY A 60 1.98 -23.15 -12.53
N ARG A 61 2.34 -24.28 -11.94
CA ARG A 61 1.64 -24.79 -10.77
C ARG A 61 2.58 -25.65 -9.95
N VAL A 62 2.31 -25.71 -8.65
CA VAL A 62 3.19 -26.36 -7.69
C VAL A 62 2.35 -27.15 -6.67
N LYS A 63 2.89 -28.26 -6.16
CA LYS A 63 2.26 -29.03 -5.10
C LYS A 63 3.33 -29.62 -4.20
N GLY A 64 2.91 -30.15 -3.06
CA GLY A 64 3.83 -30.63 -2.05
C GLY A 64 4.12 -29.53 -1.04
N SER A 65 5.36 -29.47 -0.59
CA SER A 65 5.83 -28.46 0.33
C SER A 65 6.94 -27.66 -0.32
N PRO A 66 6.58 -26.62 -1.08
CA PRO A 66 7.63 -25.86 -1.75
C PRO A 66 8.49 -24.99 -0.84
N GLY A 67 8.04 -24.67 0.40
CA GLY A 67 8.83 -23.88 1.33
C GLY A 67 9.17 -22.50 0.70
N ARG A 68 10.41 -22.12 0.83
CA ARG A 68 10.94 -20.95 0.16
C ARG A 68 11.48 -21.40 -1.21
N LEU A 69 10.65 -21.22 -2.22
CA LEU A 69 10.87 -21.72 -3.59
C LEU A 69 11.68 -20.75 -4.48
N GLU A 70 12.86 -21.19 -4.96
CA GLU A 70 13.70 -20.36 -5.86
C GLU A 70 13.15 -20.41 -7.25
N VAL A 71 12.81 -19.25 -7.80
CA VAL A 71 12.19 -19.18 -9.11
C VAL A 71 13.22 -18.70 -10.16
N LEU A 72 14.01 -17.70 -9.83
CA LEU A 72 14.92 -17.05 -10.79
C LEU A 72 16.26 -16.68 -10.12
N ARG A 73 17.35 -16.81 -10.87
CA ARG A 73 18.62 -16.34 -10.40
C ARG A 73 19.37 -15.69 -11.57
N THR A 74 19.91 -14.49 -11.32
CA THR A 74 20.71 -13.71 -12.30
C THR A 74 21.70 -12.86 -11.49
N LYS A 75 22.73 -12.33 -12.14
CA LYS A 75 23.71 -11.52 -11.40
C LYS A 75 23.02 -10.20 -11.01
N ALA A 76 23.28 -9.74 -9.79
CA ALA A 76 22.63 -8.56 -9.28
C ALA A 76 23.14 -7.33 -10.03
N PRO A 77 22.25 -6.43 -10.47
CA PRO A 77 22.65 -5.14 -10.94
C PRO A 77 23.23 -4.28 -9.86
N GLU A 78 24.05 -3.27 -10.23
CA GLU A 78 24.69 -2.42 -9.27
C GLU A 78 23.67 -1.51 -8.58
N LYS A 79 22.69 -1.02 -9.36
CA LYS A 79 21.66 -0.07 -8.85
C LYS A 79 20.30 -0.64 -9.12
N VAL A 80 19.46 -0.76 -8.10
CA VAL A 80 18.11 -1.35 -8.26
C VAL A 80 17.10 -0.47 -7.56
N LEU A 81 15.96 -0.39 -8.20
CA LEU A 81 14.73 0.15 -7.57
C LEU A 81 14.10 -1.02 -6.78
N VAL A 82 14.00 -0.86 -5.48
CA VAL A 82 13.50 -1.86 -4.60
C VAL A 82 12.19 -1.33 -3.98
N ASN A 83 11.31 -2.26 -3.66
CA ASN A 83 9.98 -1.96 -3.13
C ASN A 83 9.67 -2.76 -1.90
N ASN A 84 9.25 -2.06 -0.85
CA ASN A 84 8.73 -2.67 0.34
C ASN A 84 7.34 -3.27 0.05
N TRP A 85 7.01 -4.42 0.71
CA TRP A 85 5.71 -5.00 0.48
C TRP A 85 4.50 -4.12 0.84
N GLN A 86 4.65 -3.12 1.71
CA GLN A 86 3.46 -2.42 2.19
C GLN A 86 3.45 -0.88 2.00
N SER A 87 2.26 -0.30 2.14
CA SER A 87 2.00 1.12 1.97
C SER A 87 3.16 2.02 2.44
N TRP A 88 3.62 1.79 3.68
CA TRP A 88 4.47 2.76 4.34
C TRP A 88 5.96 2.62 4.03
N GLY A 89 6.37 1.48 3.50
CA GLY A 89 7.80 1.23 3.31
C GLY A 89 8.28 1.86 1.97
N PRO A 90 9.58 2.01 1.81
CA PRO A 90 10.12 2.77 0.68
C PRO A 90 10.04 2.04 -0.61
N CYS A 91 9.87 2.78 -1.70
CA CYS A 91 10.17 2.34 -3.03
C CYS A 91 11.23 3.32 -3.50
N ARG A 92 12.43 2.80 -3.73
CA ARG A 92 13.57 3.67 -3.92
C ARG A 92 14.77 2.96 -4.53
N VAL A 93 15.67 3.76 -5.12
CA VAL A 93 16.87 3.21 -5.77
C VAL A 93 17.95 3.05 -4.74
N VAL A 94 18.53 1.87 -4.68
CA VAL A 94 19.55 1.51 -3.74
C VAL A 94 20.78 0.92 -4.44
N ASP A 95 21.95 1.18 -3.88
CA ASP A 95 23.22 0.64 -4.38
C ASP A 95 23.33 -0.76 -3.83
N ALA A 96 23.15 -1.77 -4.69
CA ALA A 96 23.07 -3.16 -4.23
C ALA A 96 24.38 -3.81 -3.68
N PHE A 97 25.54 -3.18 -3.87
CA PHE A 97 26.82 -3.81 -3.47
C PHE A 97 27.28 -3.23 -2.12
N SER A 98 26.97 -1.97 -1.88
CA SER A 98 27.36 -1.29 -0.64
C SER A 98 26.28 -1.42 0.44
N PHE A 99 25.30 -2.30 0.24
CA PHE A 99 24.16 -2.44 1.16
C PHE A 99 24.50 -3.11 2.51
N LYS A 100 24.08 -2.45 3.59
CA LYS A 100 24.24 -3.01 4.94
C LYS A 100 22.83 -3.16 5.48
N PRO A 101 22.55 -4.32 6.06
CA PRO A 101 21.18 -4.55 6.54
C PRO A 101 20.79 -3.63 7.69
N PRO A 102 19.49 -3.29 7.80
CA PRO A 102 19.02 -2.48 8.90
C PRO A 102 18.84 -3.32 10.17
N GLU A 103 18.84 -2.63 11.30
CA GLU A 103 18.43 -3.22 12.56
C GLU A 103 16.92 -3.13 12.53
N ILE A 104 16.24 -4.21 12.90
CA ILE A 104 14.80 -4.22 12.83
C ILE A 104 14.29 -3.98 14.26
N ASP A 105 13.45 -2.97 14.39
CA ASP A 105 12.70 -2.64 15.57
C ASP A 105 11.78 -3.81 15.97
N PRO A 106 11.96 -4.38 17.18
CA PRO A 106 11.14 -5.53 17.53
C PRO A 106 9.66 -5.17 17.75
N ASN A 107 9.30 -3.90 17.83
CA ASN A 107 7.88 -3.56 17.89
C ASN A 107 7.19 -3.43 16.53
N TRP A 108 7.96 -3.47 15.44
CA TRP A 108 7.46 -3.23 14.06
C TRP A 108 8.15 -4.07 12.96
N ARG A 109 8.52 -5.23 13.38
CA ARG A 109 9.30 -6.22 12.66
C ARG A 109 8.74 -6.46 11.22
N TYR A 110 7.44 -6.79 11.27
CA TYR A 110 6.72 -7.25 10.10
C TYR A 110 6.24 -6.14 9.19
N THR A 111 6.37 -4.87 9.54
CA THR A 111 6.17 -3.84 8.51
C THR A 111 7.38 -3.71 7.60
N ALA A 112 8.52 -3.99 8.12
CA ALA A 112 9.67 -3.91 7.30
C ALA A 112 9.70 -5.14 6.39
N SER A 113 9.18 -6.30 6.81
CA SER A 113 9.28 -7.53 6.03
C SER A 113 8.42 -8.63 6.62
N VAL A 114 7.72 -9.37 5.77
CA VAL A 114 7.06 -10.58 6.17
C VAL A 114 8.08 -11.78 6.30
N VAL A 115 9.29 -11.57 5.79
CA VAL A 115 10.39 -12.55 5.92
C VAL A 115 11.61 -11.88 6.54
N PRO A 116 11.51 -11.56 7.85
CA PRO A 116 12.56 -10.69 8.34
C PRO A 116 13.94 -11.43 8.50
N ASP A 117 14.01 -12.76 8.41
CA ASP A 117 15.30 -13.43 8.37
C ASP A 117 16.10 -13.00 7.13
N VAL A 118 15.39 -12.63 6.04
CA VAL A 118 16.01 -12.05 4.85
C VAL A 118 16.46 -10.63 5.14
N LEU A 119 15.58 -9.80 5.65
CA LEU A 119 15.79 -8.32 5.67
C LEU A 119 16.95 -7.90 6.50
N GLU A 120 17.17 -8.60 7.59
CA GLU A 120 18.29 -8.30 8.51
C GLU A 120 19.66 -8.80 7.99
N ARG A 121 19.67 -9.53 6.88
CA ARG A 121 20.85 -10.08 6.27
C ARG A 121 21.19 -9.56 4.83
N ASN A 122 20.19 -9.51 3.97
CA ASN A 122 20.36 -9.22 2.55
C ASN A 122 19.33 -8.20 2.10
N LEU A 123 19.68 -7.52 1.01
CA LEU A 123 18.79 -6.57 0.34
C LEU A 123 17.56 -7.33 -0.12
N GLN A 124 16.39 -6.82 0.23
CA GLN A 124 15.12 -7.47 -0.11
C GLN A 124 14.25 -6.53 -0.89
N SER A 125 13.64 -7.01 -1.97
CA SER A 125 12.62 -6.25 -2.67
C SER A 125 11.38 -7.12 -2.81
N ASP A 126 10.20 -6.59 -2.55
CA ASP A 126 8.99 -7.37 -2.58
C ASP A 126 8.22 -7.11 -3.84
N TYR A 127 7.72 -8.18 -4.46
CA TYR A 127 6.83 -8.16 -5.63
C TYR A 127 7.51 -7.84 -6.96
N PHE A 128 8.28 -6.76 -6.98
CA PHE A 128 9.09 -6.44 -8.16
C PHE A 128 10.38 -5.82 -7.77
N VAL A 129 11.32 -5.80 -8.73
CA VAL A 129 12.55 -5.11 -8.61
C VAL A 129 12.93 -4.61 -10.04
N ALA A 130 13.63 -3.49 -10.10
CA ALA A 130 13.92 -2.85 -11.43
C ALA A 130 15.32 -2.33 -11.48
N GLU A 131 15.90 -2.40 -12.68
CA GLU A 131 17.18 -1.75 -12.98
C GLU A 131 16.96 -0.90 -14.23
N GLU A 132 17.96 -0.11 -14.59
CA GLU A 132 17.83 0.64 -15.85
C GLU A 132 17.58 -0.35 -16.98
N GLY A 133 16.43 -0.22 -17.65
CA GLY A 133 16.02 -1.05 -18.80
C GLY A 133 15.47 -2.47 -18.55
N LYS A 134 15.16 -2.86 -17.30
CA LYS A 134 14.72 -4.23 -17.04
C LYS A 134 13.86 -4.25 -15.74
N VAL A 135 12.68 -4.83 -15.86
CA VAL A 135 11.77 -5.09 -14.74
C VAL A 135 11.63 -6.61 -14.54
N TYR A 136 11.81 -7.05 -13.31
CA TYR A 136 11.43 -8.37 -12.85
C TYR A 136 10.26 -8.19 -11.89
N GLY A 137 9.15 -8.85 -12.16
CA GLY A 137 7.93 -8.61 -11.36
C GLY A 137 6.95 -9.76 -11.30
N PHE A 138 6.44 -10.07 -10.10
CA PHE A 138 5.44 -11.12 -9.99
C PHE A 138 4.10 -10.51 -10.23
N LEU A 139 3.17 -11.21 -10.83
CA LEU A 139 1.90 -10.59 -11.23
C LEU A 139 0.84 -10.66 -10.13
N SER A 140 1.08 -11.52 -9.14
CA SER A 140 0.14 -11.70 -8.07
C SER A 140 0.82 -12.12 -6.79
N SER A 141 0.04 -12.07 -5.71
CA SER A 141 0.42 -12.70 -4.43
C SER A 141 -0.86 -13.13 -3.73
N LYS A 142 -1.35 -14.27 -4.18
CA LYS A 142 -2.58 -14.85 -3.70
C LYS A 142 -2.30 -15.93 -2.68
N ILE A 143 -1.23 -16.69 -2.86
CA ILE A 143 -0.86 -17.81 -1.96
C ILE A 143 0.51 -17.56 -1.37
N ALA A 144 1.50 -17.35 -2.23
CA ALA A 144 2.87 -17.15 -1.77
C ALA A 144 3.18 -15.67 -1.69
N HIS A 145 4.16 -15.36 -0.86
CA HIS A 145 4.75 -14.04 -0.87
C HIS A 145 5.94 -14.00 -1.79
N PRO A 146 5.85 -13.21 -2.87
CA PRO A 146 6.95 -13.19 -3.88
C PRO A 146 7.94 -12.07 -3.56
N PHE A 147 9.22 -12.37 -3.52
CA PHE A 147 10.24 -11.35 -3.20
C PHE A 147 11.60 -11.69 -3.84
N PHE A 148 12.51 -10.73 -3.81
CA PHE A 148 13.83 -10.85 -4.46
C PHE A 148 14.79 -10.57 -3.34
N ALA A 149 15.90 -11.27 -3.32
CA ALA A 149 16.96 -10.94 -2.41
C ALA A 149 18.29 -10.89 -3.20
N VAL A 150 19.19 -10.02 -2.77
CA VAL A 150 20.56 -10.03 -3.31
C VAL A 150 21.37 -10.84 -2.30
N GLU A 151 21.66 -12.08 -2.71
CA GLU A 151 22.45 -13.05 -1.95
C GLU A 151 23.81 -13.24 -2.68
N ASP A 152 24.89 -12.74 -2.05
CA ASP A 152 26.30 -12.88 -2.52
C ASP A 152 26.50 -12.39 -3.96
N GLY A 153 26.00 -11.19 -4.23
CA GLY A 153 26.06 -10.64 -5.58
C GLY A 153 25.11 -11.20 -6.62
N GLU A 154 24.22 -12.13 -6.23
CA GLU A 154 23.19 -12.64 -7.16
C GLU A 154 21.76 -12.14 -6.77
N LEU A 155 21.00 -11.69 -7.75
CA LEU A 155 19.54 -11.41 -7.64
C LEU A 155 18.72 -12.70 -7.74
N VAL A 156 18.02 -13.06 -6.66
CA VAL A 156 17.33 -14.36 -6.58
C VAL A 156 15.88 -14.03 -6.28
N ALA A 157 14.99 -14.58 -7.08
CA ALA A 157 13.55 -14.40 -6.89
C ALA A 157 13.01 -15.63 -6.17
N TYR A 158 12.21 -15.41 -5.13
CA TYR A 158 11.59 -16.48 -4.36
C TYR A 158 10.11 -16.34 -4.24
N LEU A 159 9.45 -17.47 -4.10
CA LEU A 159 8.07 -17.55 -3.67
C LEU A 159 8.04 -18.27 -2.29
N GLU A 160 7.61 -17.52 -1.25
CA GLU A 160 7.60 -18.05 0.11
C GLU A 160 6.20 -18.60 0.41
N TYR A 161 6.13 -19.90 0.73
CA TYR A 161 4.88 -20.56 1.05
C TYR A 161 4.68 -20.85 2.58
N PHE A 162 5.64 -20.40 3.43
CA PHE A 162 5.50 -20.37 4.90
C PHE A 162 5.21 -21.76 5.46
N ASP A 163 5.91 -22.73 4.88
CA ASP A 163 5.77 -24.13 5.30
C ASP A 163 4.39 -24.78 5.10
N VAL A 164 3.50 -24.21 4.29
CA VAL A 164 2.21 -24.82 4.04
C VAL A 164 2.39 -25.96 3.01
N GLU A 165 1.56 -26.97 3.13
CA GLU A 165 1.66 -28.15 2.28
C GLU A 165 0.45 -28.18 1.39
N PHE A 166 0.63 -28.56 0.12
CA PHE A 166 -0.44 -28.59 -0.85
C PHE A 166 -0.57 -30.00 -1.41
N ASP A 167 -1.72 -30.62 -1.13
CA ASP A 167 -2.00 -31.97 -1.65
C ASP A 167 -2.14 -31.99 -3.17
N ASP A 168 -2.87 -31.02 -3.70
CA ASP A 168 -3.08 -30.87 -5.10
C ASP A 168 -2.31 -29.62 -5.55
N PHE A 169 -1.98 -29.61 -6.82
CA PHE A 169 -1.43 -28.42 -7.48
C PHE A 169 -2.21 -27.14 -7.20
N VAL A 170 -1.47 -26.03 -6.95
CA VAL A 170 -2.06 -24.69 -6.90
C VAL A 170 -1.23 -23.83 -7.88
N PRO A 171 -1.82 -22.73 -8.36
CA PRO A 171 -1.06 -21.96 -9.33
C PRO A 171 0.11 -21.20 -8.74
N LEU A 172 1.21 -21.16 -9.46
CA LEU A 172 2.35 -20.31 -9.12
C LEU A 172 1.88 -18.86 -9.29
N GLU A 173 2.50 -17.97 -8.54
CA GLU A 173 2.40 -16.55 -8.82
C GLU A 173 3.24 -16.30 -10.09
N PRO A 174 2.64 -15.82 -11.17
CA PRO A 174 3.40 -15.61 -12.39
C PRO A 174 4.51 -14.57 -12.25
N LEU A 175 5.65 -14.80 -12.93
CA LEU A 175 6.78 -13.87 -12.96
C LEU A 175 7.02 -13.37 -14.40
N VAL A 176 7.13 -12.06 -14.55
CA VAL A 176 7.55 -11.50 -15.82
C VAL A 176 8.89 -10.87 -15.72
N VAL A 177 9.67 -11.03 -16.82
CA VAL A 177 10.96 -10.36 -16.99
C VAL A 177 10.85 -9.56 -18.26
N LEU A 178 10.83 -8.22 -18.14
CA LEU A 178 10.59 -7.28 -19.24
C LEU A 178 11.83 -6.42 -19.47
N GLU A 179 12.12 -6.16 -20.76
CA GLU A 179 13.29 -5.38 -21.14
C GLU A 179 12.96 -4.36 -22.24
N ASP A 180 13.43 -3.14 -22.05
CA ASP A 180 13.25 -2.01 -22.97
C ASP A 180 14.06 -0.88 -22.36
N PRO A 181 14.64 0.01 -23.16
CA PRO A 181 15.31 1.16 -22.52
C PRO A 181 14.40 2.15 -21.75
N ASN A 182 13.12 2.21 -22.07
CA ASN A 182 12.19 3.09 -21.31
C ASN A 182 11.69 2.36 -20.03
N THR A 183 12.44 2.49 -18.95
CA THR A 183 12.09 1.80 -17.68
C THR A 183 10.68 2.16 -17.15
N PRO A 184 10.29 3.46 -17.18
CA PRO A 184 8.92 3.79 -16.76
C PRO A 184 7.82 3.04 -17.54
N LEU A 185 7.99 2.93 -18.86
CA LEU A 185 7.06 2.17 -19.73
C LEU A 185 7.01 0.70 -19.26
N LEU A 186 8.16 0.15 -18.92
CA LEU A 186 8.22 -1.21 -18.42
C LEU A 186 7.42 -1.34 -17.13
N LEU A 187 7.62 -0.42 -16.21
CA LEU A 187 6.89 -0.46 -14.93
C LEU A 187 5.37 -0.37 -15.11
N GLU A 188 4.97 0.51 -16.02
CA GLU A 188 3.57 0.65 -16.40
C GLU A 188 2.97 -0.57 -17.05
N LYS A 189 3.70 -1.19 -17.95
CA LYS A 189 3.28 -2.46 -18.52
C LYS A 189 3.17 -3.57 -17.49
N TYR A 190 4.17 -3.70 -16.65
CA TYR A 190 4.10 -4.61 -15.51
C TYR A 190 2.84 -4.39 -14.69
N ALA A 191 2.53 -3.14 -14.39
CA ALA A 191 1.39 -2.85 -13.54
C ALA A 191 0.08 -3.15 -14.29
N GLU A 192 0.07 -2.91 -15.61
CA GLU A 192 -1.07 -3.28 -16.42
C GLU A 192 -1.27 -4.80 -16.34
N LEU A 193 -0.21 -5.58 -16.41
CA LEU A 193 -0.39 -7.03 -16.33
C LEU A 193 -0.89 -7.49 -14.96
N VAL A 194 -0.41 -6.82 -13.91
CA VAL A 194 -0.89 -7.06 -12.54
C VAL A 194 -2.35 -6.79 -12.48
N GLY A 195 -2.80 -5.68 -13.03
CA GLY A 195 -4.19 -5.35 -12.92
C GLY A 195 -5.11 -6.35 -13.61
N MET A 196 -4.71 -6.90 -14.74
CA MET A 196 -5.44 -7.94 -15.46
C MET A 196 -5.40 -9.27 -14.69
N GLU A 197 -4.25 -9.66 -14.16
CA GLU A 197 -4.17 -10.85 -13.41
C GLU A 197 -5.10 -10.84 -12.16
N ASN A 198 -5.36 -9.68 -11.61
CA ASN A 198 -6.07 -9.56 -10.35
C ASN A 198 -7.44 -8.84 -10.49
N ASN A 199 -7.94 -8.61 -11.70
CA ASN A 199 -9.23 -7.87 -11.89
C ASN A 199 -9.25 -6.64 -11.01
N ALA A 200 -8.26 -5.75 -11.21
CA ALA A 200 -8.08 -4.57 -10.38
C ALA A 200 -9.33 -3.67 -10.46
N ARG A 201 -9.67 -3.04 -9.33
CA ARG A 201 -10.79 -2.05 -9.30
C ARG A 201 -10.20 -0.65 -9.53
N VAL A 202 -10.48 -0.09 -10.69
CA VAL A 202 -10.12 1.30 -10.94
C VAL A 202 -11.37 2.10 -11.15
N PRO A 203 -11.84 2.75 -10.08
CA PRO A 203 -13.06 3.54 -10.21
C PRO A 203 -12.90 4.64 -11.22
N LYS A 204 -13.99 4.94 -11.92
CA LYS A 204 -14.08 5.99 -12.90
C LYS A 204 -14.17 7.35 -12.21
N HIS A 205 -14.61 7.36 -10.96
CA HIS A 205 -14.71 8.58 -10.19
C HIS A 205 -13.78 8.50 -8.99
N THR A 206 -13.05 9.59 -8.73
CA THR A 206 -12.23 9.63 -7.56
C THR A 206 -12.82 10.56 -6.52
N PRO A 207 -13.03 10.05 -5.29
CA PRO A 207 -13.62 10.94 -4.31
C PRO A 207 -12.65 12.00 -3.84
N THR A 208 -13.18 13.17 -3.49
CA THR A 208 -12.43 14.19 -2.74
C THR A 208 -12.99 14.20 -1.31
N GLY A 209 -12.25 14.77 -0.39
CA GLY A 209 -12.66 14.75 0.98
C GLY A 209 -11.78 15.40 1.99
N TRP A 210 -12.21 15.26 3.25
CA TRP A 210 -11.56 15.70 4.44
C TRP A 210 -11.30 14.48 5.39
N CYS A 211 -10.15 14.51 6.04
CA CYS A 211 -9.69 13.49 6.98
C CYS A 211 -9.21 14.24 8.21
N SER A 212 -9.48 13.72 9.39
CA SER A 212 -9.20 14.42 10.61
C SER A 212 -7.74 14.31 11.07
N TRP A 213 -7.02 13.32 10.59
CA TRP A 213 -5.80 12.87 11.25
C TRP A 213 -4.66 13.87 11.36
N TYR A 214 -4.33 14.51 10.25
CA TYR A 214 -3.14 15.29 10.18
C TYR A 214 -3.21 16.69 10.80
N HIS A 215 -4.36 17.02 11.40
CA HIS A 215 -4.45 18.17 12.26
C HIS A 215 -4.66 17.74 13.70
N TYR A 216 -5.65 16.90 13.95
CA TYR A 216 -6.07 16.58 15.31
C TYR A 216 -5.42 15.36 15.88
N PHE A 217 -4.98 14.41 15.03
CA PHE A 217 -4.30 13.20 15.53
C PHE A 217 -5.19 12.54 16.57
N LEU A 218 -4.67 11.95 17.63
CA LEU A 218 -5.55 11.27 18.58
C LEU A 218 -6.40 12.20 19.43
N ASP A 219 -6.15 13.49 19.36
CA ASP A 219 -6.86 14.44 20.22
C ASP A 219 -8.13 15.02 19.62
N LEU A 220 -8.51 14.60 18.40
CA LEU A 220 -9.82 14.92 17.85
C LEU A 220 -10.96 14.77 18.93
N THR A 221 -11.83 15.77 18.97
CA THR A 221 -13.05 15.75 19.75
C THR A 221 -14.20 15.87 18.78
N TRP A 222 -15.39 15.44 19.22
CA TRP A 222 -16.59 15.62 18.40
C TRP A 222 -16.91 17.11 18.19
N GLU A 223 -16.67 17.93 19.21
CA GLU A 223 -16.91 19.37 19.11
C GLU A 223 -16.06 20.02 17.99
N GLU A 224 -14.76 19.69 17.97
CA GLU A 224 -13.89 20.11 16.85
C GLU A 224 -14.38 19.51 15.51
N THR A 225 -14.77 18.23 15.52
CA THR A 225 -15.37 17.64 14.33
C THR A 225 -16.58 18.41 13.78
N LEU A 226 -17.52 18.76 14.65
CA LEU A 226 -18.68 19.52 14.27
C LEU A 226 -18.33 20.88 13.66
N LYS A 227 -17.32 21.57 14.18
N LYS A 227 -17.32 21.51 14.21
CA LYS A 227 -16.91 22.88 13.59
CA LYS A 227 -16.81 22.79 13.75
C LYS A 227 -16.46 22.64 12.17
C LYS A 227 -16.33 22.71 12.30
N ASN A 228 -15.61 21.64 12.00
CA ASN A 228 -15.10 21.35 10.65
C ASN A 228 -16.17 20.93 9.72
N LEU A 229 -17.12 20.13 10.22
CA LEU A 229 -18.26 19.68 9.39
C LEU A 229 -19.04 20.85 8.79
N LYS A 230 -19.26 21.91 9.58
CA LYS A 230 -19.95 23.15 9.13
C LYS A 230 -19.13 23.90 8.07
N LEU A 231 -17.87 24.15 8.41
CA LEU A 231 -16.92 24.77 7.49
C LEU A 231 -16.76 24.02 6.19
N ALA A 232 -16.74 22.68 6.22
CA ALA A 232 -16.59 21.85 5.00
C ALA A 232 -17.61 22.11 3.86
N LYS A 233 -18.71 22.73 4.21
CA LYS A 233 -19.71 23.13 3.25
C LYS A 233 -19.17 24.19 2.26
N ASN A 234 -18.14 24.93 2.64
CA ASN A 234 -17.46 25.88 1.76
C ASN A 234 -16.26 25.31 0.93
N PHE A 235 -16.02 23.99 0.98
CA PHE A 235 -14.85 23.39 0.36
C PHE A 235 -15.34 22.28 -0.56
N PRO A 236 -14.57 21.92 -1.59
CA PRO A 236 -15.06 20.92 -2.53
C PRO A 236 -14.89 19.47 -2.10
N PHE A 237 -15.50 19.10 -0.97
CA PHE A 237 -15.32 17.79 -0.33
C PHE A 237 -16.58 16.92 -0.48
N GLU A 238 -16.45 15.75 -1.09
CA GLU A 238 -17.52 14.75 -1.13
C GLU A 238 -17.63 13.94 0.13
N VAL A 239 -16.47 13.49 0.62
CA VAL A 239 -16.33 12.60 1.76
C VAL A 239 -15.89 13.36 3.02
N PHE A 240 -16.43 12.99 4.19
CA PHE A 240 -15.98 13.50 5.45
C PHE A 240 -15.64 12.34 6.32
N GLN A 241 -14.35 12.17 6.62
CA GLN A 241 -13.78 10.94 7.20
C GLN A 241 -13.22 11.18 8.56
N ILE A 242 -13.73 10.45 9.57
CA ILE A 242 -13.20 10.48 10.92
C ILE A 242 -12.10 9.44 10.97
N ASP A 243 -10.93 9.79 11.48
CA ASP A 243 -9.76 8.92 11.63
C ASP A 243 -9.66 8.42 13.03
N ASP A 244 -8.56 7.71 13.38
CA ASP A 244 -8.27 7.20 14.74
C ASP A 244 -8.45 8.32 15.79
N ALA A 245 -9.20 8.03 16.86
CA ALA A 245 -9.58 9.01 17.92
C ALA A 245 -10.92 8.67 18.58
N TYR A 246 -11.91 8.32 17.77
CA TYR A 246 -13.31 8.10 18.24
C TYR A 246 -13.50 6.81 19.09
N GLU A 247 -12.62 5.83 18.92
CA GLU A 247 -12.88 4.47 19.40
C GLU A 247 -12.30 4.26 20.73
N LYS A 248 -12.94 3.43 21.52
CA LYS A 248 -12.46 3.24 22.88
C LYS A 248 -11.20 2.37 22.93
N ASP A 249 -11.10 1.39 22.05
CA ASP A 249 -9.84 0.62 22.01
C ASP A 249 -9.78 -0.01 20.60
N ILE A 250 -8.61 -0.54 20.32
CA ILE A 250 -8.29 -1.11 18.98
C ILE A 250 -8.89 -2.48 18.94
N GLY A 251 -9.92 -2.64 18.11
CA GLY A 251 -10.75 -3.84 18.06
C GLY A 251 -12.20 -3.56 18.44
N ASP A 252 -12.41 -2.54 19.28
CA ASP A 252 -13.74 -2.26 19.79
C ASP A 252 -14.29 -1.09 19.00
N TRP A 253 -14.54 -1.34 17.71
CA TRP A 253 -14.79 -0.29 16.69
C TRP A 253 -16.15 0.34 16.86
N LEU A 254 -17.06 -0.31 17.58
CA LEU A 254 -18.42 0.21 17.71
C LEU A 254 -18.70 0.83 19.09
N VAL A 255 -17.65 0.98 19.92
CA VAL A 255 -17.70 1.59 21.27
C VAL A 255 -16.90 2.89 21.18
N THR A 256 -17.56 4.03 21.29
CA THR A 256 -16.85 5.30 21.32
C THR A 256 -16.39 5.76 22.71
N ARG A 257 -15.64 6.86 22.74
CA ARG A 257 -15.03 7.38 23.95
C ARG A 257 -15.17 8.90 23.94
N GLY A 258 -14.75 9.52 25.05
CA GLY A 258 -14.67 10.99 25.18
C GLY A 258 -16.00 11.61 24.90
N ASP A 259 -16.00 12.73 24.16
CA ASP A 259 -17.25 13.40 23.79
C ASP A 259 -17.93 12.89 22.52
N PHE A 260 -17.52 11.71 22.01
CA PHE A 260 -18.12 11.24 20.77
C PHE A 260 -19.51 10.63 20.99
N PRO A 261 -20.44 10.87 20.08
CA PRO A 261 -21.67 10.09 20.09
C PRO A 261 -21.44 8.61 19.65
N SER A 262 -22.51 7.88 19.43
CA SER A 262 -22.37 6.52 18.92
C SER A 262 -21.88 6.59 17.47
N VAL A 263 -21.26 5.50 17.04
CA VAL A 263 -20.78 5.39 15.66
C VAL A 263 -21.90 5.59 14.65
N GLU A 264 -23.08 5.06 14.97
CA GLU A 264 -24.27 5.29 14.10
C GLU A 264 -24.69 6.78 14.04
N GLU A 265 -24.64 7.40 15.21
CA GLU A 265 -25.03 8.83 15.34
C GLU A 265 -24.10 9.76 14.55
N MET A 266 -22.80 9.48 14.63
CA MET A 266 -21.82 10.21 13.83
C MET A 266 -22.15 10.15 12.36
N ALA A 267 -22.39 8.94 11.88
CA ALA A 267 -22.79 8.78 10.47
C ALA A 267 -24.03 9.59 10.09
N LYS A 268 -25.04 9.58 10.96
N LYS A 268 -25.02 9.54 10.98
CA LYS A 268 -26.30 10.29 10.65
CA LYS A 268 -26.30 10.26 10.82
C LYS A 268 -26.11 11.85 10.72
C LYS A 268 -26.05 11.79 10.70
N VAL A 269 -25.26 12.34 11.62
CA VAL A 269 -24.91 13.82 11.61
C VAL A 269 -24.14 14.19 10.33
N ILE A 270 -23.16 13.37 9.99
CA ILE A 270 -22.35 13.64 8.84
C ILE A 270 -23.20 13.62 7.63
N ALA A 271 -24.06 12.60 7.50
CA ALA A 271 -24.94 12.50 6.32
C ALA A 271 -25.98 13.65 6.29
N GLU A 272 -26.48 14.06 7.45
CA GLU A 272 -27.48 15.16 7.53
C GLU A 272 -26.84 16.47 7.03
N ASN A 273 -25.54 16.64 7.26
CA ASN A 273 -24.79 17.78 6.69
C ASN A 273 -24.39 17.59 5.22
N GLY A 274 -24.78 16.49 4.57
CA GLY A 274 -24.57 16.37 3.14
C GLY A 274 -23.24 15.78 2.68
N PHE A 275 -22.54 15.03 3.54
CA PHE A 275 -21.30 14.38 3.15
C PHE A 275 -21.46 12.87 3.18
N ILE A 276 -20.57 12.22 2.44
CA ILE A 276 -20.49 10.79 2.46
C ILE A 276 -19.74 10.51 3.71
N PRO A 277 -20.34 9.79 4.66
CA PRO A 277 -19.56 9.55 5.86
C PRO A 277 -18.47 8.51 5.63
N GLY A 278 -17.30 8.78 6.17
CA GLY A 278 -16.21 7.81 6.12
C GLY A 278 -15.62 7.56 7.48
N ILE A 279 -14.96 6.43 7.63
CA ILE A 279 -14.42 6.13 8.94
C ILE A 279 -13.16 5.24 8.85
N TRP A 280 -12.27 5.47 9.80
CA TRP A 280 -11.03 4.67 9.94
C TRP A 280 -11.24 3.49 10.87
N THR A 281 -10.67 2.32 10.52
CA THR A 281 -10.51 1.18 11.45
C THR A 281 -9.17 0.57 11.17
N ALA A 282 -8.70 -0.23 12.11
CA ALA A 282 -7.59 -1.10 11.95
C ALA A 282 -8.13 -2.52 12.09
N PRO A 283 -8.76 -3.06 11.02
CA PRO A 283 -9.68 -4.14 11.28
C PRO A 283 -9.07 -5.51 11.58
N PHE A 284 -7.79 -5.71 11.28
CA PHE A 284 -7.15 -6.97 11.62
C PHE A 284 -6.36 -6.94 12.91
N SER A 285 -6.51 -5.84 13.66
CA SER A 285 -5.78 -5.55 14.85
C SER A 285 -6.69 -5.58 16.10
N VAL A 286 -6.26 -6.23 17.19
CA VAL A 286 -6.95 -6.13 18.48
C VAL A 286 -5.94 -5.93 19.56
N SER A 287 -6.12 -4.91 20.40
CA SER A 287 -5.14 -4.69 21.45
C SER A 287 -5.32 -5.68 22.61
N GLU A 288 -4.22 -5.88 23.34
CA GLU A 288 -4.24 -6.62 24.61
C GLU A 288 -5.30 -6.17 25.62
N THR A 289 -5.70 -4.91 25.57
CA THR A 289 -6.76 -4.41 26.46
C THR A 289 -8.15 -4.42 25.90
N SER A 290 -8.32 -4.74 24.62
CA SER A 290 -9.60 -4.58 24.01
C SER A 290 -10.57 -5.59 24.56
N ASP A 291 -11.83 -5.16 24.56
CA ASP A 291 -12.94 -6.09 24.86
C ASP A 291 -12.93 -7.30 23.93
N VAL A 292 -12.78 -7.05 22.65
CA VAL A 292 -12.82 -8.18 21.71
C VAL A 292 -11.72 -9.23 22.03
N PHE A 293 -10.49 -8.84 22.36
CA PHE A 293 -9.46 -9.81 22.67
C PHE A 293 -9.69 -10.51 23.98
N ASN A 294 -10.21 -9.76 24.93
CA ASN A 294 -10.44 -10.29 26.28
C ASN A 294 -11.61 -11.30 26.23
N GLU A 295 -12.62 -11.07 25.39
CA GLU A 295 -13.71 -12.03 25.16
C GLU A 295 -13.30 -13.20 24.32
N HIS A 296 -12.36 -13.01 23.40
CA HIS A 296 -12.04 -14.04 22.44
C HIS A 296 -10.56 -14.22 22.27
N PRO A 297 -9.88 -14.80 23.27
CA PRO A 297 -8.44 -14.95 23.16
C PRO A 297 -7.95 -15.92 22.12
N ASP A 298 -8.76 -16.86 21.66
N ASP A 298 -8.83 -16.78 21.66
CA ASP A 298 -8.30 -17.84 20.65
CA ASP A 298 -8.53 -17.79 20.68
C ASP A 298 -8.70 -17.28 19.22
C ASP A 298 -8.52 -17.21 19.24
N TRP A 299 -8.96 -15.95 19.10
CA TRP A 299 -9.17 -15.32 17.77
C TRP A 299 -7.93 -14.76 17.13
N VAL A 300 -6.74 -15.02 17.69
CA VAL A 300 -5.58 -14.28 17.23
C VAL A 300 -4.57 -15.26 16.79
N VAL A 301 -3.67 -14.78 15.92
CA VAL A 301 -2.52 -15.59 15.49
C VAL A 301 -1.62 -15.92 16.67
N LYS A 302 -0.99 -17.09 16.65
CA LYS A 302 -0.24 -17.53 17.82
C LYS A 302 1.20 -17.91 17.56
N GLU A 303 1.97 -17.96 18.65
CA GLU A 303 3.33 -18.44 18.63
C GLU A 303 3.48 -19.33 19.87
N ASN A 304 3.90 -20.57 19.64
CA ASN A 304 3.89 -21.66 20.62
C ASN A 304 2.60 -21.69 21.44
N GLY A 305 1.46 -21.57 20.76
CA GLY A 305 0.14 -21.68 21.38
C GLY A 305 -0.42 -20.45 22.07
N GLU A 306 0.38 -19.38 22.19
CA GLU A 306 -0.04 -18.15 22.85
C GLU A 306 -0.06 -17.01 21.85
N PRO A 307 -0.82 -15.92 22.15
CA PRO A 307 -0.93 -14.74 21.32
C PRO A 307 0.38 -14.14 20.89
N LYS A 308 0.57 -13.99 19.59
CA LYS A 308 1.80 -13.51 19.04
C LYS A 308 1.59 -12.02 18.78
N MET A 309 2.40 -11.19 19.43
CA MET A 309 2.39 -9.77 19.23
C MET A 309 2.70 -9.53 17.79
N ALA A 310 1.81 -8.80 17.15
CA ALA A 310 1.96 -8.45 15.76
C ALA A 310 2.75 -7.18 15.59
N TYR A 311 2.47 -6.20 16.46
CA TYR A 311 3.20 -4.97 16.58
C TYR A 311 2.82 -4.28 17.90
N ARG A 312 3.55 -3.23 18.24
CA ARG A 312 3.28 -2.42 19.44
C ARG A 312 2.99 -1.03 19.01
N ASN A 313 1.85 -0.52 19.42
CA ASN A 313 1.44 0.84 19.10
C ASN A 313 0.37 1.29 20.05
N TRP A 314 0.11 2.59 20.12
CA TRP A 314 -0.83 3.15 21.13
C TRP A 314 -0.39 2.73 22.58
N ASN A 315 0.91 2.51 22.77
CA ASN A 315 1.50 2.07 24.02
C ASN A 315 0.88 0.76 24.52
N LYS A 316 0.56 -0.15 23.57
CA LYS A 316 -0.01 -1.45 23.88
C LYS A 316 0.48 -2.52 22.91
N LYS A 317 0.51 -3.75 23.39
CA LYS A 317 0.74 -4.88 22.51
C LYS A 317 -0.50 -5.03 21.64
N ILE A 318 -0.31 -5.22 20.35
CA ILE A 318 -1.43 -5.40 19.45
C ILE A 318 -1.32 -6.79 18.79
N TYR A 319 -2.41 -7.53 18.86
CA TYR A 319 -2.48 -8.86 18.25
C TYR A 319 -3.18 -8.83 16.92
N ALA A 320 -2.97 -9.89 16.15
CA ALA A 320 -3.54 -10.02 14.82
C ALA A 320 -4.68 -10.97 14.82
N LEU A 321 -5.81 -10.57 14.24
CA LEU A 321 -6.89 -11.53 14.03
C LEU A 321 -6.49 -12.65 13.10
N ASP A 322 -6.91 -13.86 13.46
CA ASP A 322 -6.66 -15.08 12.73
C ASP A 322 -7.79 -15.22 11.71
N LEU A 323 -7.49 -14.77 10.50
CA LEU A 323 -8.47 -14.67 9.42
C LEU A 323 -8.69 -16.01 8.72
N SER A 324 -8.07 -17.09 9.20
CA SER A 324 -8.47 -18.43 8.76
C SER A 324 -9.74 -18.93 9.54
N LYS A 325 -10.16 -18.21 10.60
CA LYS A 325 -11.29 -18.64 11.47
C LYS A 325 -12.59 -18.08 10.99
N ASP A 326 -13.58 -18.93 10.81
CA ASP A 326 -14.89 -18.46 10.45
C ASP A 326 -15.52 -17.54 11.45
N GLU A 327 -15.29 -17.76 12.76
CA GLU A 327 -15.84 -16.89 13.81
C GLU A 327 -15.33 -15.45 13.62
N VAL A 328 -14.05 -15.34 13.25
CA VAL A 328 -13.40 -14.04 13.01
C VAL A 328 -13.97 -13.37 11.76
N LEU A 329 -14.00 -14.10 10.65
CA LEU A 329 -14.58 -13.54 9.42
C LEU A 329 -16.04 -13.21 9.58
N ASN A 330 -16.80 -14.01 10.34
CA ASN A 330 -18.22 -13.56 10.66
C ASN A 330 -18.30 -12.26 11.44
N TRP A 331 -17.38 -12.09 12.38
CA TRP A 331 -17.31 -10.88 13.19
C TRP A 331 -16.96 -9.68 12.30
N LEU A 332 -16.02 -9.89 11.40
CA LEU A 332 -15.64 -8.83 10.44
C LEU A 332 -16.84 -8.50 9.54
N PHE A 333 -17.50 -9.53 9.06
CA PHE A 333 -18.65 -9.28 8.20
C PHE A 333 -19.70 -8.47 8.91
N ASP A 334 -20.05 -8.88 10.12
CA ASP A 334 -21.05 -8.15 10.93
C ASP A 334 -20.61 -6.74 11.20
N LEU A 335 -19.34 -6.53 11.56
CA LEU A 335 -18.86 -5.19 11.85
C LEU A 335 -19.03 -4.31 10.63
N PHE A 336 -18.49 -4.74 9.47
CA PHE A 336 -18.59 -3.88 8.33
C PHE A 336 -20.03 -3.75 7.79
N SER A 337 -20.80 -4.83 7.87
CA SER A 337 -22.25 -4.76 7.53
C SER A 337 -22.96 -3.70 8.38
N SER A 338 -22.67 -3.64 9.67
CA SER A 338 -23.25 -2.62 10.57
C SER A 338 -22.85 -1.25 10.15
N LEU A 339 -21.58 -1.06 9.75
CA LEU A 339 -21.13 0.28 9.40
C LEU A 339 -21.85 0.73 8.16
N ARG A 340 -21.95 -0.18 7.18
CA ARG A 340 -22.69 0.07 5.93
C ARG A 340 -24.15 0.46 6.25
N LYS A 341 -24.77 -0.25 7.19
CA LYS A 341 -26.20 0.03 7.58
C LYS A 341 -26.36 1.41 8.11
N MET A 342 -25.33 1.87 8.83
CA MET A 342 -25.32 3.17 9.44
C MET A 342 -25.19 4.30 8.40
N GLY A 343 -24.78 4.02 7.18
CA GLY A 343 -24.54 5.10 6.21
C GLY A 343 -23.08 5.30 5.81
N TYR A 344 -22.12 4.67 6.49
CA TYR A 344 -20.71 4.79 5.99
C TYR A 344 -20.56 4.16 4.61
N ARG A 345 -20.03 4.96 3.68
CA ARG A 345 -19.70 4.55 2.35
C ARG A 345 -18.20 4.79 1.96
N TYR A 346 -17.37 5.11 2.91
CA TYR A 346 -15.91 5.23 2.65
C TYR A 346 -15.21 4.65 3.86
N PHE A 347 -14.30 3.72 3.62
CA PHE A 347 -13.70 2.95 4.70
C PHE A 347 -12.18 3.01 4.55
N LYS A 348 -11.49 3.65 5.50
CA LYS A 348 -10.01 3.64 5.51
C LYS A 348 -9.68 2.50 6.46
N ILE A 349 -9.10 1.46 5.90
CA ILE A 349 -8.86 0.21 6.61
C ILE A 349 -7.32 0.09 6.74
N ASP A 350 -6.82 0.16 7.97
CA ASP A 350 -5.44 0.52 8.23
C ASP A 350 -4.73 -0.59 8.96
N PHE A 351 -3.39 -0.52 8.98
CA PHE A 351 -2.56 -1.54 9.69
C PHE A 351 -2.83 -2.93 9.19
N LEU A 352 -3.14 -3.07 7.91
CA LEU A 352 -3.54 -4.37 7.35
C LEU A 352 -2.44 -5.40 7.35
N PHE A 353 -1.18 -4.97 7.38
CA PHE A 353 -0.02 -5.91 7.47
C PHE A 353 -0.24 -6.92 8.59
N ALA A 354 -0.96 -6.50 9.64
CA ALA A 354 -1.23 -7.39 10.80
C ALA A 354 -1.89 -8.69 10.45
N GLY A 355 -2.80 -8.65 9.49
CA GLY A 355 -3.53 -9.82 9.09
C GLY A 355 -2.67 -10.87 8.35
N ALA A 356 -1.54 -10.42 7.84
CA ALA A 356 -0.60 -11.22 7.09
C ALA A 356 0.65 -11.57 7.92
N VAL A 357 0.62 -11.46 9.25
CA VAL A 357 1.87 -11.73 9.98
C VAL A 357 2.11 -13.22 9.94
N PRO A 358 3.37 -13.65 9.85
CA PRO A 358 3.58 -15.13 10.01
C PRO A 358 3.30 -15.60 11.42
N GLY A 359 2.77 -16.81 11.50
CA GLY A 359 2.53 -17.50 12.75
C GLY A 359 1.51 -18.63 12.63
N GLU A 360 1.02 -19.04 13.78
CA GLU A 360 0.10 -20.16 13.89
C GLU A 360 -1.33 -19.68 13.71
N ARG A 361 -2.01 -20.29 12.77
CA ARG A 361 -3.43 -20.05 12.58
C ARG A 361 -4.19 -21.35 12.67
N LYS A 362 -5.50 -21.27 12.79
CA LYS A 362 -6.34 -22.48 12.98
C LYS A 362 -6.24 -23.39 11.74
N LYS A 363 -6.28 -22.80 10.54
CA LYS A 363 -6.07 -23.56 9.28
C LYS A 363 -4.61 -23.50 8.84
N ASN A 364 -4.09 -24.57 8.27
CA ASN A 364 -2.73 -24.53 7.78
C ASN A 364 -2.77 -23.93 6.34
N ILE A 365 -2.92 -22.60 6.34
CA ILE A 365 -2.86 -21.76 5.16
C ILE A 365 -1.76 -20.71 5.36
N THR A 366 -1.30 -20.10 4.25
CA THR A 366 -0.30 -19.09 4.33
C THR A 366 -0.94 -17.79 4.94
N PRO A 367 -0.12 -16.93 5.51
CA PRO A 367 -0.56 -15.60 5.92
C PRO A 367 -1.16 -14.79 4.81
N ILE A 368 -0.73 -15.03 3.57
CA ILE A 368 -1.26 -14.25 2.44
C ILE A 368 -2.68 -14.76 2.10
N GLN A 369 -2.89 -16.09 2.13
CA GLN A 369 -4.24 -16.68 1.93
C GLN A 369 -5.21 -16.13 2.99
N ALA A 370 -4.73 -16.07 4.22
CA ALA A 370 -5.53 -15.56 5.36
C ALA A 370 -5.88 -14.08 5.14
N PHE A 371 -4.83 -13.30 4.89
CA PHE A 371 -4.98 -11.89 4.58
C PHE A 371 -6.08 -11.68 3.51
N ARG A 372 -5.98 -12.40 2.39
CA ARG A 372 -6.97 -12.25 1.34
C ARG A 372 -8.42 -12.62 1.72
N LYS A 373 -8.61 -13.64 2.55
N LYS A 373 -8.61 -13.65 2.53
CA LYS A 373 -9.98 -13.98 3.04
CA LYS A 373 -9.95 -13.95 3.03
C LYS A 373 -10.59 -12.85 3.93
C LYS A 373 -10.53 -12.74 3.79
N GLY A 374 -9.75 -12.19 4.73
CA GLY A 374 -10.19 -11.00 5.51
C GLY A 374 -10.60 -9.79 4.67
N ILE A 375 -9.74 -9.32 3.75
CA ILE A 375 -10.15 -8.17 2.93
C ILE A 375 -11.36 -8.51 2.00
N GLU A 376 -11.42 -9.74 1.52
CA GLU A 376 -12.56 -10.18 0.68
C GLU A 376 -13.86 -10.12 1.46
N THR A 377 -13.77 -10.48 2.73
CA THR A 377 -14.93 -10.39 3.64
C THR A 377 -15.40 -8.97 3.83
N ILE A 378 -14.44 -8.09 4.03
CA ILE A 378 -14.76 -6.68 4.24
C ILE A 378 -15.44 -6.13 2.97
N ARG A 379 -14.88 -6.41 1.78
CA ARG A 379 -15.48 -6.01 0.48
CA ARG A 379 -15.47 -6.00 0.49
C ARG A 379 -16.94 -6.45 0.33
N LYS A 380 -17.18 -7.73 0.66
CA LYS A 380 -18.55 -8.28 0.58
C LYS A 380 -19.53 -7.53 1.51
N ALA A 381 -19.07 -7.26 2.74
CA ALA A 381 -19.85 -6.69 3.75
C ALA A 381 -20.19 -5.23 3.40
N VAL A 382 -19.26 -4.46 2.84
CA VAL A 382 -19.54 -3.04 2.58
C VAL A 382 -20.22 -2.82 1.26
N GLY A 383 -20.06 -3.75 0.35
CA GLY A 383 -20.76 -3.72 -0.91
C GLY A 383 -20.03 -2.96 -2.00
N GLU A 384 -20.54 -3.09 -3.21
CA GLU A 384 -19.90 -2.52 -4.40
C GLU A 384 -19.92 -1.01 -4.46
N ASP A 385 -20.86 -0.39 -3.76
CA ASP A 385 -21.04 1.07 -3.77
C ASP A 385 -20.27 1.77 -2.63
N SER A 386 -19.51 1.02 -1.84
CA SER A 386 -18.64 1.64 -0.83
C SER A 386 -17.21 1.75 -1.40
N PHE A 387 -16.53 2.82 -1.02
CA PHE A 387 -15.12 2.99 -1.36
C PHE A 387 -14.24 2.41 -0.27
N ILE A 388 -13.33 1.53 -0.63
CA ILE A 388 -12.31 0.97 0.31
C ILE A 388 -10.95 1.57 0.02
N LEU A 389 -10.42 2.27 1.03
CA LEU A 389 -9.06 2.80 1.02
C LEU A 389 -8.17 1.94 1.92
N GLY A 390 -7.24 1.19 1.33
CA GLY A 390 -6.26 0.43 2.11
C GLY A 390 -5.13 1.28 2.65
N CYS A 391 -4.58 0.87 3.79
CA CYS A 391 -3.43 1.59 4.38
C CYS A 391 -2.63 0.68 5.25
N GLY A 392 -1.36 0.99 5.43
CA GLY A 392 -0.44 0.04 6.12
C GLY A 392 -0.53 -1.37 5.61
N SER A 393 -0.70 -1.53 4.31
CA SER A 393 -1.13 -2.78 3.74
C SER A 393 -0.14 -3.39 2.78
N PRO A 394 0.05 -4.72 2.83
CA PRO A 394 0.58 -5.48 1.70
C PRO A 394 -0.07 -5.04 0.38
N LEU A 395 0.72 -4.75 -0.64
CA LEU A 395 0.20 -4.14 -1.85
C LEU A 395 -0.40 -5.19 -2.81
N LEU A 396 0.40 -6.11 -3.33
CA LEU A 396 -0.11 -7.07 -4.32
C LEU A 396 -1.34 -7.90 -3.93
N PRO A 397 -1.37 -8.45 -2.71
CA PRO A 397 -2.55 -9.24 -2.28
C PRO A 397 -3.84 -8.46 -2.26
N ALA A 398 -3.79 -7.12 -2.23
CA ALA A 398 -4.99 -6.29 -2.12
C ALA A 398 -5.53 -5.81 -3.46
N VAL A 399 -4.82 -6.10 -4.54
CA VAL A 399 -5.28 -5.56 -5.86
C VAL A 399 -6.53 -6.38 -6.18
N GLY A 400 -7.58 -5.71 -6.61
CA GLY A 400 -8.85 -6.38 -6.94
C GLY A 400 -9.89 -6.20 -5.84
N CYS A 401 -9.42 -5.84 -4.65
CA CYS A 401 -10.27 -5.65 -3.52
C CYS A 401 -10.45 -4.14 -3.13
N VAL A 402 -9.35 -3.43 -2.95
CA VAL A 402 -9.41 -2.05 -2.57
C VAL A 402 -9.71 -1.16 -3.78
N ASP A 403 -10.33 -0.02 -3.51
CA ASP A 403 -10.51 0.97 -4.53
C ASP A 403 -9.35 2.01 -4.56
N GLY A 404 -8.82 2.38 -3.39
CA GLY A 404 -7.70 3.29 -3.31
C GLY A 404 -6.69 2.60 -2.36
N MET A 405 -5.43 3.01 -2.41
CA MET A 405 -4.38 2.46 -1.51
C MET A 405 -3.37 3.53 -1.18
N ARG A 406 -3.13 3.69 0.12
CA ARG A 406 -1.98 4.49 0.60
C ARG A 406 -0.71 3.80 0.11
N ILE A 407 0.10 4.53 -0.64
CA ILE A 407 1.35 3.97 -1.23
C ILE A 407 2.63 4.60 -0.65
N GLY A 408 2.50 5.41 0.40
CA GLY A 408 3.68 5.97 1.06
C GLY A 408 3.52 6.04 2.56
N PRO A 409 4.62 6.33 3.24
CA PRO A 409 4.58 6.60 4.66
C PRO A 409 3.82 7.86 4.87
N ASP A 410 3.43 8.04 6.13
CA ASP A 410 2.62 9.18 6.50
C ASP A 410 3.33 10.51 6.17
N THR A 411 2.54 11.40 5.61
CA THR A 411 2.91 12.82 5.51
C THR A 411 2.86 13.47 6.90
N ALA A 412 3.09 14.76 6.95
CA ALA A 412 3.17 15.48 8.22
C ALA A 412 3.07 16.99 7.92
N PRO A 413 2.67 17.77 8.94
CA PRO A 413 2.66 19.21 8.81
C PRO A 413 4.06 19.82 8.93
N PHE A 414 5.06 19.16 8.34
CA PHE A 414 6.40 19.65 8.27
C PHE A 414 7.07 18.85 7.18
N TRP A 415 8.17 19.37 6.68
CA TRP A 415 8.82 18.80 5.51
C TRP A 415 9.57 17.60 5.94
N GLY A 416 10.25 17.74 7.08
CA GLY A 416 10.89 16.63 7.74
C GLY A 416 12.39 16.64 7.56
N GLU A 417 12.98 17.82 7.77
CA GLU A 417 14.38 18.03 7.47
C GLU A 417 15.29 17.01 8.18
N HIS A 418 15.01 16.72 9.44
CA HIS A 418 15.88 15.77 10.19
C HIS A 418 15.24 14.41 10.29
N ILE A 419 14.35 14.07 9.37
CA ILE A 419 13.72 12.78 9.37
C ILE A 419 14.41 11.94 8.29
N GLU A 420 14.98 10.84 8.70
CA GLU A 420 15.55 9.90 7.76
C GLU A 420 14.46 9.13 7.04
N ASP A 421 14.89 8.45 5.99
CA ASP A 421 14.02 7.65 5.17
C ASP A 421 13.76 6.27 5.83
N ASN A 422 13.08 6.29 6.97
CA ASN A 422 12.97 5.20 7.91
C ASN A 422 11.52 4.92 8.28
N GLY A 423 10.59 5.56 7.57
CA GLY A 423 9.13 5.43 7.86
C GLY A 423 8.52 6.38 8.87
N ALA A 424 9.30 7.17 9.59
CA ALA A 424 8.71 8.21 10.49
C ALA A 424 7.94 9.24 9.64
N PRO A 425 6.89 9.86 10.20
CA PRO A 425 6.19 10.84 9.37
C PRO A 425 7.07 12.00 8.85
N ALA A 426 6.88 12.34 7.58
CA ALA A 426 7.51 13.53 6.91
C ALA A 426 6.92 13.71 5.51
N ALA A 427 6.56 14.95 5.16
CA ALA A 427 6.06 15.26 3.85
C ALA A 427 7.02 14.80 2.76
N ARG A 428 8.34 14.97 2.99
CA ARG A 428 9.31 14.74 1.90
C ARG A 428 9.38 13.29 1.49
N TRP A 429 9.27 12.36 2.46
CA TRP A 429 9.32 10.93 2.19
C TRP A 429 7.99 10.35 1.70
N ALA A 430 6.88 10.89 2.16
CA ALA A 430 5.56 10.52 1.65
C ALA A 430 5.52 10.87 0.16
N LEU A 431 6.01 12.07 -0.18
CA LEU A 431 5.94 12.53 -1.57
C LEU A 431 6.85 11.72 -2.45
N ARG A 432 8.06 11.35 -1.98
CA ARG A 432 8.95 10.50 -2.74
C ARG A 432 8.22 9.21 -3.17
N ASN A 433 7.54 8.52 -2.25
CA ASN A 433 6.86 7.30 -2.60
C ASN A 433 5.71 7.52 -3.57
N ALA A 434 5.00 8.63 -3.48
CA ALA A 434 3.97 8.88 -4.51
C ALA A 434 4.57 8.98 -5.91
N ILE A 435 5.81 9.39 -5.98
CA ILE A 435 6.55 9.42 -7.24
C ILE A 435 7.01 8.06 -7.71
N THR A 436 7.74 7.39 -6.84
CA THR A 436 8.32 6.13 -7.20
C THR A 436 7.31 5.01 -7.38
N ARG A 437 6.08 5.15 -6.84
CA ARG A 437 5.02 4.18 -7.06
C ARG A 437 3.91 4.70 -7.99
N TYR A 438 4.17 5.77 -8.71
CA TYR A 438 3.17 6.37 -9.61
C TYR A 438 2.49 5.39 -10.57
N PHE A 439 3.23 4.41 -11.00
CA PHE A 439 2.83 3.46 -12.04
C PHE A 439 1.76 2.52 -11.58
N MET A 440 1.55 2.38 -10.28
CA MET A 440 0.41 1.62 -9.78
C MET A 440 -0.95 2.33 -9.99
N HIS A 441 -0.92 3.63 -10.09
CA HIS A 441 -2.10 4.44 -10.14
C HIS A 441 -2.88 4.18 -11.41
N ASP A 442 -4.19 3.99 -11.25
CA ASP A 442 -5.09 3.65 -12.37
C ASP A 442 -4.79 2.34 -13.01
N ARG A 443 -4.04 1.47 -12.33
CA ARG A 443 -3.72 0.17 -12.81
C ARG A 443 -4.08 -0.82 -11.71
N PHE A 444 -3.50 -0.64 -10.53
CA PHE A 444 -3.80 -1.47 -9.36
C PHE A 444 -5.04 -1.05 -8.62
N TRP A 445 -5.29 0.25 -8.61
CA TRP A 445 -6.26 0.95 -7.79
C TRP A 445 -6.01 2.45 -8.06
N LEU A 446 -6.71 3.30 -7.33
CA LEU A 446 -6.34 4.71 -7.23
C LEU A 446 -5.26 4.89 -6.14
N ASN A 447 -4.12 5.48 -6.48
CA ASN A 447 -3.11 5.80 -5.49
C ASN A 447 -3.52 6.94 -4.61
N ASP A 448 -3.36 6.73 -3.29
CA ASP A 448 -3.50 7.75 -2.29
C ASP A 448 -2.13 8.20 -1.83
N PRO A 449 -1.77 9.44 -2.12
CA PRO A 449 -0.45 9.97 -1.79
C PRO A 449 -0.38 10.52 -0.36
N ASP A 450 -1.48 10.39 0.39
CA ASP A 450 -1.67 10.90 1.74
C ASP A 450 -2.09 12.37 1.61
N CYS A 451 -2.54 12.88 2.72
CA CYS A 451 -3.38 14.07 2.70
C CYS A 451 -2.62 15.33 2.42
N LEU A 452 -3.27 16.23 1.68
CA LEU A 452 -2.79 17.60 1.58
C LEU A 452 -3.04 18.35 2.89
N ILE A 453 -2.05 19.15 3.30
CA ILE A 453 -2.09 19.95 4.49
C ILE A 453 -1.85 21.41 4.07
N LEU A 454 -2.94 22.18 3.95
CA LEU A 454 -2.97 23.48 3.35
C LEU A 454 -3.25 24.65 4.32
N ARG A 455 -3.37 24.35 5.61
CA ARG A 455 -3.54 25.36 6.63
C ARG A 455 -2.32 26.29 6.66
N GLU A 456 -2.57 27.48 7.21
CA GLU A 456 -1.59 28.60 7.30
C GLU A 456 -1.05 28.84 8.70
N GLU A 457 -1.64 28.20 9.70
CA GLU A 457 -1.18 28.26 11.05
C GLU A 457 -1.14 26.80 11.51
N LYS A 458 -0.50 26.55 12.64
CA LYS A 458 -0.26 25.21 13.20
C LYS A 458 0.43 24.24 12.20
N THR A 459 1.42 24.78 11.50
CA THR A 459 2.26 23.99 10.62
C THR A 459 3.58 24.70 10.38
N ASP A 460 4.64 23.96 10.09
CA ASP A 460 5.92 24.55 9.62
C ASP A 460 6.11 24.58 8.07
N LEU A 461 5.19 24.00 7.30
CA LEU A 461 5.31 23.94 5.88
C LEU A 461 5.24 25.35 5.30
N THR A 462 6.05 25.63 4.30
CA THR A 462 5.99 26.90 3.57
C THR A 462 4.97 26.84 2.48
N GLN A 463 4.59 27.99 1.95
CA GLN A 463 3.67 28.03 0.82
C GLN A 463 4.26 27.22 -0.37
N LYS A 464 5.56 27.35 -0.63
N LYS A 464 5.58 27.39 -0.60
CA LYS A 464 6.14 26.63 -1.77
CA LYS A 464 6.34 26.65 -1.62
C LYS A 464 6.25 25.11 -1.48
C LYS A 464 6.18 25.13 -1.45
N GLU A 465 6.36 24.67 -0.22
CA GLU A 465 6.28 23.24 0.09
C GLU A 465 4.88 22.65 -0.06
N LYS A 466 3.88 23.40 0.34
CA LYS A 466 2.52 22.99 0.15
C LYS A 466 2.15 22.90 -1.31
N GLU A 467 2.66 23.82 -2.11
CA GLU A 467 2.43 23.75 -3.53
C GLU A 467 3.11 22.58 -4.16
N LEU A 468 4.35 22.38 -3.80
CA LEU A 468 5.13 21.29 -4.39
C LEU A 468 4.42 19.95 -4.16
N TYR A 469 4.01 19.72 -2.91
CA TYR A 469 3.31 18.50 -2.53
C TYR A 469 2.02 18.39 -3.31
N SER A 470 1.22 19.44 -3.30
CA SER A 470 -0.13 19.37 -3.85
C SER A 470 -0.16 19.28 -5.34
N TYR A 471 0.63 20.09 -6.03
CA TYR A 471 0.69 20.01 -7.49
C TYR A 471 1.27 18.73 -8.04
N THR A 472 2.25 18.15 -7.33
CA THR A 472 2.79 16.84 -7.73
C THR A 472 1.63 15.82 -7.63
N CYS A 473 0.89 15.83 -6.52
CA CYS A 473 -0.23 14.90 -6.38
C CYS A 473 -1.25 15.06 -7.49
N GLY A 474 -1.56 16.33 -7.86
CA GLY A 474 -2.47 16.55 -9.00
C GLY A 474 -2.02 16.03 -10.33
N VAL A 475 -0.76 16.27 -10.66
CA VAL A 475 -0.19 15.86 -11.94
C VAL A 475 -0.23 14.33 -12.02
N LEU A 476 -0.06 13.68 -10.86
CA LEU A 476 -0.06 12.27 -10.82
C LEU A 476 -1.45 11.67 -10.83
N ASP A 477 -2.49 12.52 -10.87
CA ASP A 477 -3.89 12.07 -10.85
C ASP A 477 -4.29 11.29 -9.59
N ASN A 478 -3.50 11.41 -8.52
CA ASN A 478 -3.74 10.72 -7.27
C ASN A 478 -4.92 11.29 -6.51
N MET A 479 -5.41 10.54 -5.52
CA MET A 479 -6.54 11.00 -4.72
C MET A 479 -6.14 12.23 -3.95
N ILE A 480 -7.08 13.16 -3.82
CA ILE A 480 -6.84 14.44 -3.16
C ILE A 480 -7.79 14.56 -1.99
N ILE A 481 -7.25 14.36 -0.80
CA ILE A 481 -7.96 14.48 0.47
C ILE A 481 -7.25 15.52 1.33
N GLU A 482 -7.96 16.47 1.95
CA GLU A 482 -7.34 17.51 2.76
C GLU A 482 -7.53 17.16 4.23
N SER A 483 -6.53 17.47 5.04
CA SER A 483 -6.56 17.23 6.46
C SER A 483 -6.01 18.46 7.23
N ASP A 484 -6.93 19.29 7.63
CA ASP A 484 -6.67 20.56 8.30
C ASP A 484 -7.84 20.94 9.22
N ASP A 485 -7.53 21.68 10.26
CA ASP A 485 -8.55 22.55 10.90
C ASP A 485 -8.89 23.58 9.85
N LEU A 486 -10.09 23.52 9.32
CA LEU A 486 -10.50 24.33 8.18
C LEU A 486 -10.65 25.79 8.52
N SER A 487 -10.61 26.13 9.79
CA SER A 487 -10.64 27.52 10.18
C SER A 487 -9.26 28.12 9.99
N LEU A 488 -8.23 27.29 9.81
CA LEU A 488 -6.88 27.77 9.57
C LEU A 488 -6.46 27.78 8.11
N VAL A 489 -7.37 27.43 7.21
CA VAL A 489 -7.12 27.42 5.82
C VAL A 489 -7.63 28.72 5.22
N ARG A 490 -6.73 29.49 4.65
CA ARG A 490 -7.04 30.78 4.09
C ARG A 490 -7.00 30.81 2.56
N ASP A 491 -6.90 32.02 1.98
CA ASP A 491 -6.83 32.17 0.52
C ASP A 491 -5.77 31.31 -0.16
N HIS A 492 -4.56 31.27 0.38
CA HIS A 492 -3.52 30.50 -0.29
C HIS A 492 -3.89 28.98 -0.38
N GLY A 493 -4.35 28.40 0.72
CA GLY A 493 -4.74 26.96 0.77
C GLY A 493 -5.87 26.62 -0.17
N LYS A 494 -6.82 27.54 -0.25
CA LYS A 494 -7.96 27.35 -1.14
C LYS A 494 -7.55 27.45 -2.56
N LYS A 495 -6.68 28.42 -2.86
CA LYS A 495 -6.09 28.50 -4.17
C LYS A 495 -5.29 27.18 -4.50
N VAL A 496 -4.42 26.73 -3.59
CA VAL A 496 -3.67 25.46 -3.91
C VAL A 496 -4.59 24.29 -4.21
N LEU A 497 -5.63 24.10 -3.40
CA LEU A 497 -6.58 23.02 -3.61
C LEU A 497 -7.29 23.16 -4.98
N LYS A 498 -7.76 24.37 -5.27
CA LYS A 498 -8.46 24.58 -6.54
C LYS A 498 -7.58 24.26 -7.76
N GLU A 499 -6.35 24.71 -7.71
CA GLU A 499 -5.39 24.48 -8.80
C GLU A 499 -4.96 23.03 -8.90
N THR A 500 -4.83 22.36 -7.75
CA THR A 500 -4.57 20.95 -7.74
C THR A 500 -5.62 20.17 -8.49
N LEU A 501 -6.90 20.46 -8.23
CA LEU A 501 -8.01 19.71 -8.78
C LEU A 501 -8.03 19.89 -10.29
N GLU A 502 -7.53 21.00 -10.78
CA GLU A 502 -7.38 21.26 -12.23
C GLU A 502 -6.29 20.46 -12.94
N LEU A 503 -5.37 19.86 -12.19
CA LEU A 503 -4.29 19.03 -12.74
C LEU A 503 -4.66 17.52 -12.83
N LEU A 504 -5.78 17.15 -12.23
CA LEU A 504 -6.24 15.76 -12.25
C LEU A 504 -6.71 15.37 -13.61
N GLY A 505 -6.78 14.05 -13.83
CA GLY A 505 -7.48 13.47 -14.97
C GLY A 505 -6.60 12.95 -16.04
N GLY A 506 -5.30 13.13 -15.88
CA GLY A 506 -4.37 12.61 -16.87
C GLY A 506 -3.75 11.24 -16.67
N ARG A 507 -2.79 10.93 -17.55
N ARG A 507 -2.85 10.90 -17.60
CA ARG A 507 -1.99 9.72 -17.57
CA ARG A 507 -1.99 9.71 -17.55
C ARG A 507 -0.51 10.00 -17.29
C ARG A 507 -0.56 10.13 -17.26
N PRO A 508 -0.13 9.97 -16.01
CA PRO A 508 1.22 10.44 -15.68
C PRO A 508 2.33 9.44 -16.01
N ARG A 509 3.54 9.98 -16.12
CA ARG A 509 4.77 9.25 -16.25
C ARG A 509 5.93 10.01 -15.54
N VAL A 510 6.65 9.29 -14.68
CA VAL A 510 7.82 9.81 -14.04
C VAL A 510 8.90 9.36 -14.99
N GLN A 511 9.46 10.33 -15.71
CA GLN A 511 10.37 10.00 -16.78
C GLN A 511 11.70 9.52 -16.33
N ASN A 512 12.17 9.93 -15.18
CA ASN A 512 13.48 9.46 -14.68
C ASN A 512 13.35 8.73 -13.32
N ILE A 513 12.61 7.63 -13.35
CA ILE A 513 12.24 6.85 -12.18
C ILE A 513 13.47 6.34 -11.42
N MET A 514 14.60 6.15 -12.12
CA MET A 514 15.81 5.65 -11.46
C MET A 514 16.73 6.72 -10.88
N SER A 515 16.27 7.95 -10.82
CA SER A 515 17.05 9.05 -10.24
C SER A 515 17.46 8.77 -8.84
N GLU A 516 18.68 9.14 -8.51
CA GLU A 516 19.14 9.05 -7.11
C GLU A 516 19.26 10.40 -6.39
N ASP A 517 18.88 11.50 -7.02
CA ASP A 517 19.13 12.80 -6.41
C ASP A 517 17.84 13.52 -6.05
N LEU A 518 16.74 12.78 -6.05
CA LEU A 518 15.42 13.32 -5.65
C LEU A 518 14.90 14.48 -6.56
N ARG A 519 15.39 14.55 -7.78
CA ARG A 519 14.82 15.44 -8.74
C ARG A 519 14.13 14.59 -9.75
N TYR A 520 12.84 14.83 -9.97
CA TYR A 520 12.07 14.06 -10.95
C TYR A 520 11.38 14.91 -11.99
N GLU A 521 11.33 14.41 -13.22
CA GLU A 521 10.55 15.09 -14.29
C GLU A 521 9.32 14.26 -14.51
N ILE A 522 8.18 14.86 -14.38
CA ILE A 522 6.90 14.18 -14.43
C ILE A 522 5.96 14.82 -15.47
N VAL A 523 5.49 14.02 -16.43
CA VAL A 523 4.53 14.47 -17.45
C VAL A 523 3.18 13.83 -17.16
N SER A 524 2.11 14.50 -17.57
CA SER A 524 0.82 13.95 -17.53
C SER A 524 0.02 14.43 -18.72
N SER A 525 -0.35 13.50 -19.60
CA SER A 525 -1.20 13.80 -20.77
C SER A 525 -2.70 13.83 -20.46
N GLY A 526 -3.40 14.81 -21.04
CA GLY A 526 -4.85 14.84 -21.03
C GLY A 526 -5.45 15.15 -19.70
N THR A 527 -4.83 16.04 -18.93
CA THR A 527 -5.42 16.44 -17.67
C THR A 527 -6.59 17.40 -17.96
N LEU A 528 -7.32 17.85 -16.94
CA LEU A 528 -8.33 18.93 -17.13
C LEU A 528 -7.70 20.27 -17.53
N SER A 529 -6.37 20.36 -17.46
CA SER A 529 -5.60 21.51 -17.95
C SER A 529 -4.73 21.14 -19.11
N GLY A 530 -5.12 20.16 -19.89
CA GLY A 530 -4.32 19.74 -21.03
C GLY A 530 -3.07 18.97 -20.64
N ASN A 531 -2.09 18.91 -21.54
CA ASN A 531 -0.83 18.21 -21.29
C ASN A 531 0.01 19.00 -20.31
N VAL A 532 0.51 18.37 -19.23
CA VAL A 532 1.22 19.15 -18.23
C VAL A 532 2.58 18.51 -17.95
N LYS A 533 3.46 19.28 -17.34
N LYS A 533 3.51 19.32 -17.45
CA LYS A 533 4.73 18.76 -16.89
CA LYS A 533 4.83 18.86 -16.98
C LYS A 533 5.19 19.53 -15.68
C LYS A 533 5.16 19.54 -15.67
N ILE A 534 5.75 18.79 -14.73
CA ILE A 534 6.25 19.35 -13.52
C ILE A 534 7.62 18.70 -13.24
N VAL A 535 8.59 19.56 -12.95
CA VAL A 535 9.89 19.12 -12.51
C VAL A 535 9.96 19.50 -11.05
N VAL A 536 10.21 18.51 -10.21
CA VAL A 536 10.27 18.70 -8.77
C VAL A 536 11.64 18.28 -8.23
N ASP A 537 12.11 19.02 -7.23
CA ASP A 537 13.34 18.71 -6.57
C ASP A 537 13.03 18.65 -5.11
N LEU A 538 13.13 17.43 -4.57
CA LEU A 538 12.74 17.21 -3.19
C LEU A 538 13.80 17.67 -2.24
N ASN A 539 15.04 17.86 -2.74
CA ASN A 539 16.12 18.39 -1.92
C ASN A 539 16.06 19.95 -1.82
N SER A 540 15.97 20.65 -2.93
CA SER A 540 15.81 22.09 -2.90
C SER A 540 14.41 22.56 -2.45
N ARG A 541 13.41 21.68 -2.53
CA ARG A 541 12.01 21.97 -2.23
C ARG A 541 11.44 22.99 -3.27
N GLU A 542 11.74 22.72 -4.53
CA GLU A 542 11.39 23.56 -5.70
C GLU A 542 10.65 22.76 -6.74
N TYR A 543 9.76 23.44 -7.46
CA TYR A 543 9.10 22.86 -8.58
C TYR A 543 9.00 23.86 -9.71
N HIS A 544 8.84 23.31 -10.90
CA HIS A 544 8.57 24.12 -12.12
C HIS A 544 7.45 23.40 -12.89
N LEU A 545 6.30 24.03 -13.01
CA LEU A 545 5.14 23.44 -13.61
C LEU A 545 4.75 24.18 -14.92
N GLU A 546 4.50 23.44 -16.00
CA GLU A 546 4.05 23.97 -17.32
C GLU A 546 2.73 23.31 -17.74
N LYS A 547 1.77 24.11 -18.18
CA LYS A 547 0.42 23.67 -18.52
C LYS A 547 0.08 24.06 -19.95
N GLU A 548 -0.62 23.19 -20.68
CA GLU A 548 -0.92 23.28 -22.13
C GLU A 548 0.35 23.01 -22.88
MG MG B . -7.42 8.66 -13.59
S SO4 C . 11.23 20.25 10.08
O1 SO4 C . 11.39 19.86 8.63
O2 SO4 C . 12.57 20.66 10.59
O3 SO4 C . 10.75 19.06 10.87
O4 SO4 C . 10.23 21.34 10.27
S SO4 D . 2.12 28.32 14.33
O1 SO4 D . 2.65 27.11 13.65
O2 SO4 D . 3.25 29.30 14.40
O3 SO4 D . 1.64 27.97 15.69
O4 SO4 D . 0.99 28.94 13.58
S SO4 E . -13.69 -21.24 13.37
O1 SO4 E . -13.91 -19.89 13.93
O2 SO4 E . -12.50 -21.81 14.03
O3 SO4 E . -14.99 -21.90 13.62
O4 SO4 E . -13.38 -21.32 11.89
#